data_1AFX
#
_entry.id   1AFX
#
_cell.length_a   1.000
_cell.length_b   1.000
_cell.length_c   1.000
_cell.angle_alpha   90.00
_cell.angle_beta   90.00
_cell.angle_gamma   90.00
#
_symmetry.space_group_name_H-M   'P 1'
#
_entity_poly.entity_id   1
_entity_poly.type   'polyribonucleotide'
_entity_poly.pdbx_seq_one_letter_code
;GGUGUGAACACC
;
_entity_poly.pdbx_strand_id   A
#